data_3H2S
#
_entry.id   3H2S
#
_cell.length_a   47.664
_cell.length_b   93.768
_cell.length_c   102.549
_cell.angle_alpha   90.000
_cell.angle_beta   90.000
_cell.angle_gamma   90.000
#
_symmetry.space_group_name_H-M   'P 21 21 21'
#
loop_
_entity.id
_entity.type
_entity.pdbx_description
1 polymer 'Putative NADH-flavin reductase'
2 non-polymer 'NADPH DIHYDRO-NICOTINAMIDE-ADENINE-DINUCLEOTIDE PHOSPHATE'
3 water water
#
_entity_poly.entity_id   1
_entity_poly.type   'polypeptide(L)'
_entity_poly.pdbx_seq_one_letter_code
;(MSE)KIAVLGATGRAGSAIVAEARRRGHEVLAVVRDPQKAADRLGATVATLVKEPLVLTEADLDSVDAVVDALSVPWGS
GRGYLHLDFATHLVSLLRNSDTLAVFILGSASLA(MSE)PGADHP(MSE)ILDFPESAASQPWYDGALYQYYEYQFLQ
(MSE)NANVNWIGISPSEAFPSGPATSYVAGKDTLLVGEDGQSHITTGN(MSE)ALAILDQLEHPTAIRDRIVVRDADLE
HHHHHH
;
_entity_poly.pdbx_strand_id   A,B
#
loop_
_chem_comp.id
_chem_comp.type
_chem_comp.name
_chem_comp.formula
NDP non-polymer 'NADPH DIHYDRO-NICOTINAMIDE-ADENINE-DINUCLEOTIDE PHOSPHATE' 'C21 H30 N7 O17 P3'
#
# COMPACT_ATOMS: atom_id res chain seq x y z
N MSE A 1 -4.98 10.10 26.38
CA MSE A 1 -4.02 9.84 25.28
C MSE A 1 -4.22 10.86 24.16
O MSE A 1 -5.23 11.56 24.13
CB MSE A 1 -4.20 8.40 24.74
CG MSE A 1 -5.21 8.25 23.61
SE MSE A 1 -5.44 6.40 22.98
CE MSE A 1 -3.57 5.83 23.02
N LYS A 2 -3.25 10.93 23.24
CA LYS A 2 -3.36 11.83 22.11
C LYS A 2 -3.77 11.11 20.84
N ILE A 3 -4.83 11.60 20.21
CA ILE A 3 -5.46 10.90 19.09
C ILE A 3 -5.49 11.84 17.89
N ALA A 4 -4.83 11.46 16.80
CA ALA A 4 -4.98 12.15 15.52
C ALA A 4 -6.16 11.57 14.78
N VAL A 5 -7.06 12.45 14.32
CA VAL A 5 -8.21 11.98 13.54
C VAL A 5 -8.10 12.46 12.10
N LEU A 6 -7.94 11.51 11.17
CA LEU A 6 -7.92 11.85 9.76
C LEU A 6 -9.37 11.85 9.24
N GLY A 7 -9.71 12.86 8.45
CA GLY A 7 -11.12 13.04 8.07
C GLY A 7 -11.95 13.46 9.27
N ALA A 8 -11.36 14.29 10.13
CA ALA A 8 -12.01 14.79 11.35
C ALA A 8 -13.25 15.66 11.10
N THR A 9 -13.33 16.29 9.93
CA THR A 9 -14.48 17.13 9.58
C THR A 9 -15.64 16.35 8.95
N GLY A 10 -15.41 15.07 8.70
CA GLY A 10 -16.43 14.21 8.08
C GLY A 10 -17.53 13.80 9.05
N ARG A 11 -18.45 12.97 8.57
CA ARG A 11 -19.57 12.52 9.40
C ARG A 11 -19.07 11.62 10.52
N ALA A 12 -18.36 10.55 10.17
CA ALA A 12 -17.74 9.65 11.18
C ALA A 12 -16.69 10.40 12.00
N GLY A 13 -15.85 11.16 11.31
CA GLY A 13 -14.75 11.88 11.96
C GLY A 13 -15.15 12.85 13.04
N SER A 14 -16.18 13.65 12.77
CA SER A 14 -16.60 14.66 13.71
C SER A 14 -17.21 14.01 14.95
N ALA A 15 -17.85 12.86 14.76
CA ALA A 15 -18.44 12.10 15.86
C ALA A 15 -17.32 11.51 16.72
N ILE A 16 -16.27 11.02 16.06
CA ILE A 16 -15.09 10.49 16.74
C ILE A 16 -14.38 11.57 17.57
N VAL A 17 -14.25 12.77 17.00
CA VAL A 17 -13.63 13.88 17.72
C VAL A 17 -14.41 14.20 18.99
N ALA A 18 -15.74 14.22 18.88
CA ALA A 18 -16.60 14.52 20.01
C ALA A 18 -16.50 13.46 21.10
N GLU A 19 -16.54 12.19 20.69
CA GLU A 19 -16.47 11.09 21.66
C GLU A 19 -15.10 11.08 22.33
N ALA A 20 -14.05 11.33 21.54
CA ALA A 20 -12.70 11.45 22.09
C ALA A 20 -12.61 12.52 23.17
N ARG A 21 -13.18 13.69 22.90
CA ARG A 21 -13.16 14.80 23.85
C ARG A 21 -13.99 14.47 25.08
N ARG A 22 -15.13 13.82 24.87
CA ARG A 22 -15.98 13.41 26.00
C ARG A 22 -15.16 12.52 26.93
N ARG A 23 -14.30 11.70 26.34
CA ARG A 23 -13.54 10.69 27.08
C ARG A 23 -12.18 11.21 27.55
N GLY A 24 -11.96 12.52 27.41
CA GLY A 24 -10.80 13.18 28.03
C GLY A 24 -9.50 13.00 27.27
N HIS A 25 -9.58 12.74 25.97
CA HIS A 25 -8.38 12.59 25.14
C HIS A 25 -8.04 13.89 24.40
N GLU A 26 -6.75 14.09 24.16
CA GLU A 26 -6.29 15.24 23.39
C GLU A 26 -6.41 14.94 21.90
N VAL A 27 -7.19 15.73 21.19
CA VAL A 27 -7.46 15.46 19.79
C VAL A 27 -6.61 16.35 18.89
N LEU A 28 -6.05 15.75 17.85
CA LEU A 28 -5.47 16.51 16.75
C LEU A 28 -6.25 16.19 15.49
N ALA A 29 -6.99 17.19 15.00
CA ALA A 29 -7.84 17.02 13.81
C ALA A 29 -7.06 17.40 12.58
N VAL A 30 -6.81 16.41 11.73
CA VAL A 30 -6.15 16.66 10.47
C VAL A 30 -7.20 17.04 9.44
N VAL A 31 -7.08 18.23 8.88
CA VAL A 31 -8.17 18.79 8.07
C VAL A 31 -7.60 19.49 6.83
N ARG A 32 -8.47 19.74 5.85
CA ARG A 32 -8.11 20.59 4.73
C ARG A 32 -8.90 21.89 4.76
N ASP A 33 -9.95 21.92 5.57
CA ASP A 33 -10.91 23.02 5.56
C ASP A 33 -11.04 23.62 6.97
N PRO A 34 -10.20 24.61 7.29
CA PRO A 34 -10.20 25.29 8.60
C PRO A 34 -11.58 25.80 9.03
N GLN A 35 -12.34 26.38 8.10
CA GLN A 35 -13.70 26.84 8.42
C GLN A 35 -14.61 25.69 8.85
N LYS A 36 -14.60 24.61 8.06
CA LYS A 36 -15.35 23.40 8.41
C LYS A 36 -14.93 22.92 9.80
N ALA A 37 -13.64 23.04 10.09
CA ALA A 37 -13.09 22.56 11.36
C ALA A 37 -13.57 23.42 12.53
N ALA A 38 -13.58 24.73 12.29
CA ALA A 38 -14.09 25.66 13.30
C ALA A 38 -15.58 25.44 13.57
N ASP A 39 -16.36 25.21 12.52
CA ASP A 39 -17.81 25.05 12.65
C ASP A 39 -18.22 23.69 13.19
N ARG A 40 -17.54 22.62 12.82
CA ARG A 40 -17.98 21.26 13.16
C ARG A 40 -17.33 20.70 14.41
N LEU A 41 -16.13 21.23 14.73
CA LEU A 41 -15.32 20.63 15.78
C LEU A 41 -15.24 21.59 16.97
N GLY A 42 -15.23 22.87 16.67
CA GLY A 42 -15.12 23.89 17.70
C GLY A 42 -13.74 24.53 17.71
N ALA A 43 -13.70 25.78 18.15
CA ALA A 43 -12.47 26.56 18.12
C ALA A 43 -11.41 25.91 18.99
N THR A 44 -11.84 25.04 19.90
CA THR A 44 -10.97 24.55 20.96
C THR A 44 -10.24 23.26 20.56
N VAL A 45 -10.51 22.78 19.36
CA VAL A 45 -9.92 21.52 18.91
C VAL A 45 -8.67 21.80 18.09
N ALA A 46 -7.55 21.20 18.48
CA ALA A 46 -6.28 21.46 17.80
C ALA A 46 -6.30 20.89 16.39
N THR A 47 -5.65 21.58 15.47
CA THR A 47 -5.86 21.34 14.05
C THR A 47 -4.48 21.16 13.39
N LEU A 48 -4.38 20.20 12.48
CA LEU A 48 -3.26 20.19 11.53
C LEU A 48 -3.77 20.24 10.09
N VAL A 49 -3.51 21.36 9.41
CA VAL A 49 -4.01 21.56 8.05
C VAL A 49 -3.00 21.05 7.06
N LYS A 50 -3.21 19.81 6.60
CA LYS A 50 -2.23 19.13 5.77
C LYS A 50 -2.93 18.02 5.00
N GLU A 51 -2.52 17.84 3.75
CA GLU A 51 -2.96 16.69 2.95
C GLU A 51 -2.54 15.38 3.63
N PRO A 52 -3.48 14.44 3.79
CA PRO A 52 -3.15 13.20 4.48
C PRO A 52 -1.96 12.49 3.85
N LEU A 53 -1.82 12.57 2.53
CA LEU A 53 -0.77 11.80 1.85
C LEU A 53 0.60 12.46 2.05
N VAL A 54 0.61 13.57 2.76
CA VAL A 54 1.86 14.32 2.97
C VAL A 54 2.22 14.37 4.45
N LEU A 55 1.40 13.74 5.28
CA LEU A 55 1.75 13.53 6.69
C LEU A 55 3.09 12.80 6.84
N THR A 56 3.89 13.24 7.81
CA THR A 56 5.22 12.68 8.04
C THR A 56 5.26 11.91 9.35
N GLU A 57 6.35 11.19 9.57
CA GLU A 57 6.53 10.49 10.84
C GLU A 57 6.52 11.48 12.00
N ALA A 58 7.18 12.62 11.81
CA ALA A 58 7.23 13.65 12.85
C ALA A 58 5.85 14.20 13.23
N ASP A 59 4.97 14.37 12.24
CA ASP A 59 3.61 14.83 12.51
C ASP A 59 2.90 13.95 13.53
N LEU A 60 3.24 12.66 13.51
CA LEU A 60 2.52 11.66 14.27
C LEU A 60 3.25 11.19 15.52
N ASP A 61 4.43 11.71 15.79
CA ASP A 61 5.25 11.11 16.85
C ASP A 61 4.78 11.44 18.26
N SER A 62 4.03 12.53 18.40
CA SER A 62 3.43 12.86 19.69
C SER A 62 2.12 12.13 19.96
N VAL A 63 1.58 11.45 18.95
CA VAL A 63 0.26 10.83 19.10
C VAL A 63 0.33 9.33 19.49
N ASP A 64 -0.63 8.91 20.31
CA ASP A 64 -0.71 7.53 20.79
C ASP A 64 -1.60 6.68 19.86
N ALA A 65 -2.51 7.34 19.17
CA ALA A 65 -3.42 6.66 18.25
C ALA A 65 -3.80 7.54 17.06
N VAL A 66 -4.17 6.89 15.98
CA VAL A 66 -4.65 7.54 14.77
C VAL A 66 -5.93 6.86 14.33
N VAL A 67 -6.92 7.66 13.92
CA VAL A 67 -8.12 7.09 13.36
C VAL A 67 -8.29 7.56 11.92
N ASP A 68 -8.44 6.60 11.01
CA ASP A 68 -8.67 6.91 9.59
C ASP A 68 -10.17 6.96 9.28
N ALA A 69 -10.74 8.18 9.28
CA ALA A 69 -12.14 8.35 8.93
C ALA A 69 -12.30 9.09 7.61
N LEU A 70 -11.30 8.99 6.74
CA LEU A 70 -11.36 9.62 5.43
C LEU A 70 -12.28 8.84 4.51
N SER A 71 -12.87 9.54 3.54
CA SER A 71 -13.67 8.89 2.52
C SER A 71 -13.52 9.51 1.15
N VAL A 72 -14.22 8.95 0.18
CA VAL A 72 -14.17 9.41 -1.19
C VAL A 72 -15.59 9.47 -1.72
N PRO A 73 -15.97 10.61 -2.33
CA PRO A 73 -17.31 10.71 -2.90
C PRO A 73 -17.55 9.70 -4.01
N TRP A 74 -18.78 9.21 -4.10
CA TRP A 74 -19.16 8.35 -5.21
C TRP A 74 -19.02 9.06 -6.56
N GLY A 75 -18.72 8.31 -7.60
CA GLY A 75 -18.62 8.84 -8.96
C GLY A 75 -17.46 9.80 -9.20
N SER A 76 -16.51 9.83 -8.29
CA SER A 76 -15.36 10.72 -8.44
C SER A 76 -14.28 10.07 -9.27
N GLY A 77 -14.23 8.74 -9.22
CA GLY A 77 -13.16 7.97 -9.86
C GLY A 77 -11.93 7.84 -8.96
N ARG A 78 -12.03 8.40 -7.76
CA ARG A 78 -10.88 8.51 -6.86
C ARG A 78 -10.98 7.54 -5.69
N GLY A 79 -11.66 6.41 -5.92
CA GLY A 79 -11.76 5.34 -4.94
C GLY A 79 -10.41 4.81 -4.48
N TYR A 80 -9.39 4.99 -5.32
CA TYR A 80 -8.04 4.55 -4.95
C TYR A 80 -7.53 5.23 -3.67
N LEU A 81 -8.05 6.42 -3.37
CA LEU A 81 -7.61 7.11 -2.15
C LEU A 81 -7.86 6.34 -0.87
N HIS A 82 -8.94 5.56 -0.83
CA HIS A 82 -9.17 4.68 0.31
C HIS A 82 -7.91 3.85 0.60
N LEU A 83 -7.37 3.27 -0.46
CA LEU A 83 -6.15 2.48 -0.37
C LEU A 83 -4.91 3.33 -0.07
N ASP A 84 -4.69 4.39 -0.85
CA ASP A 84 -3.50 5.24 -0.70
C ASP A 84 -3.39 5.87 0.68
N PHE A 85 -4.48 6.39 1.22
CA PHE A 85 -4.41 6.98 2.56
C PHE A 85 -3.92 5.91 3.56
N ALA A 86 -4.48 4.70 3.46
CA ALA A 86 -4.15 3.64 4.41
C ALA A 86 -2.69 3.18 4.28
N THR A 87 -2.23 2.95 3.04
CA THR A 87 -0.86 2.51 2.84
C THR A 87 0.09 3.58 3.37
N HIS A 88 -0.26 4.85 3.16
CA HIS A 88 0.60 5.92 3.64
C HIS A 88 0.65 5.92 5.16
N LEU A 89 -0.52 5.85 5.80
CA LEU A 89 -0.57 5.81 7.26
C LEU A 89 0.25 4.66 7.86
N VAL A 90 0.02 3.44 7.34
CA VAL A 90 0.80 2.29 7.76
C VAL A 90 2.31 2.53 7.64
N SER A 91 2.73 3.21 6.59
CA SER A 91 4.15 3.44 6.37
C SER A 91 4.76 4.33 7.46
N LEU A 92 3.91 5.10 8.13
CA LEU A 92 4.38 6.01 9.20
C LEU A 92 4.38 5.30 10.54
N LEU A 93 3.80 4.12 10.60
CA LEU A 93 3.65 3.43 11.89
C LEU A 93 4.61 2.27 12.08
N ARG A 94 5.61 2.13 11.21
CA ARG A 94 6.57 1.04 11.32
C ARG A 94 7.40 1.20 12.60
N ASN A 95 7.54 0.11 13.34
CA ASN A 95 8.23 0.15 14.64
C ASN A 95 7.70 1.21 15.61
N SER A 96 6.38 1.33 15.71
CA SER A 96 5.75 2.23 16.68
C SER A 96 4.61 1.49 17.36
N ASP A 97 4.31 1.89 18.60
CA ASP A 97 3.27 1.25 19.39
C ASP A 97 1.91 1.82 19.03
N THR A 98 1.92 2.89 18.23
CA THR A 98 0.70 3.63 17.89
C THR A 98 -0.42 2.75 17.38
N LEU A 99 -1.60 2.90 17.99
CA LEU A 99 -2.81 2.21 17.54
C LEU A 99 -3.39 2.94 16.34
N ALA A 100 -3.77 2.19 15.32
CA ALA A 100 -4.41 2.80 14.15
C ALA A 100 -5.73 2.09 13.86
N VAL A 101 -6.84 2.82 13.98
CA VAL A 101 -8.14 2.27 13.63
C VAL A 101 -8.57 2.74 12.25
N PHE A 102 -8.91 1.79 11.39
CA PHE A 102 -9.37 2.08 10.03
C PHE A 102 -10.85 1.73 9.92
N ILE A 103 -11.65 2.69 9.48
CA ILE A 103 -13.03 2.41 9.16
C ILE A 103 -13.07 1.83 7.74
N LEU A 104 -13.65 0.65 7.62
CA LEU A 104 -13.66 -0.07 6.36
C LEU A 104 -15.07 -0.03 5.76
N GLY A 105 -15.31 -0.88 4.77
CA GLY A 105 -16.61 -0.90 4.10
C GLY A 105 -17.39 -2.14 4.47
N SER A 106 -18.67 -2.13 4.11
CA SER A 106 -19.56 -3.25 4.33
C SER A 106 -19.32 -4.36 3.31
N ALA A 107 -18.77 -4.01 2.15
CA ALA A 107 -18.67 -4.95 1.04
C ALA A 107 -17.60 -6.03 1.25
N SER A 108 -16.74 -5.84 2.24
CA SER A 108 -15.73 -6.85 2.58
C SER A 108 -16.26 -7.82 3.63
N LEU A 109 -17.49 -7.59 4.10
CA LEU A 109 -18.16 -8.52 5.00
C LEU A 109 -18.88 -9.63 4.22
N ALA A 110 -19.05 -10.77 4.86
CA ALA A 110 -19.93 -11.81 4.34
C ALA A 110 -21.39 -11.45 4.53
N MSE A 111 -22.22 -11.80 3.54
CA MSE A 111 -23.65 -11.91 3.78
C MSE A 111 -23.94 -12.98 4.84
O MSE A 111 -23.16 -13.92 5.00
CB MSE A 111 -24.38 -12.27 2.46
CG MSE A 111 -24.34 -11.17 1.42
SE MSE A 111 -25.39 -9.59 1.92
CE MSE A 111 -25.82 -8.96 0.11
N PRO A 112 -25.05 -12.83 5.55
CA PRO A 112 -25.45 -13.85 6.52
C PRO A 112 -25.45 -15.23 5.87
N GLY A 113 -24.79 -16.20 6.51
CA GLY A 113 -24.72 -17.55 5.95
C GLY A 113 -23.59 -17.79 4.95
N ALA A 114 -22.83 -16.74 4.66
CA ALA A 114 -21.70 -16.89 3.75
C ALA A 114 -20.40 -16.95 4.53
N ASP A 115 -19.35 -17.38 3.88
CA ASP A 115 -18.05 -17.51 4.53
C ASP A 115 -16.95 -16.74 3.80
N HIS A 116 -17.35 -15.74 3.01
CA HIS A 116 -16.40 -14.97 2.22
C HIS A 116 -16.99 -13.60 1.87
N PRO A 117 -16.12 -12.61 1.63
CA PRO A 117 -16.56 -11.23 1.39
C PRO A 117 -17.57 -11.13 0.24
N MSE A 118 -18.65 -10.38 0.46
CA MSE A 118 -19.78 -10.39 -0.46
C MSE A 118 -19.41 -9.78 -1.82
O MSE A 118 -20.00 -10.12 -2.83
CB MSE A 118 -20.98 -9.64 0.13
CG MSE A 118 -20.75 -8.14 0.32
SE MSE A 118 -22.34 -7.23 1.03
CE MSE A 118 -22.16 -7.77 2.93
N ILE A 119 -18.44 -8.85 -1.82
CA ILE A 119 -17.99 -8.21 -3.06
C ILE A 119 -17.54 -9.24 -4.09
N LEU A 120 -17.07 -10.38 -3.63
CA LEU A 120 -16.61 -11.43 -4.56
C LEU A 120 -17.76 -12.00 -5.39
N ASP A 121 -18.97 -11.87 -4.88
CA ASP A 121 -20.14 -12.42 -5.56
C ASP A 121 -20.95 -11.38 -6.35
N PHE A 122 -20.51 -10.13 -6.29
CA PHE A 122 -21.19 -9.07 -7.05
C PHE A 122 -21.18 -9.38 -8.54
N PRO A 123 -22.30 -9.07 -9.23
CA PRO A 123 -22.39 -9.18 -10.69
C PRO A 123 -21.42 -8.24 -11.39
N GLU A 124 -21.10 -8.54 -12.65
CA GLU A 124 -20.21 -7.68 -13.42
C GLU A 124 -20.79 -6.27 -13.55
N SER A 125 -22.11 -6.19 -13.62
CA SER A 125 -22.80 -4.92 -13.76
C SER A 125 -22.52 -3.96 -12.60
N ALA A 126 -22.10 -4.50 -11.46
CA ALA A 126 -21.91 -3.68 -10.27
C ALA A 126 -20.84 -2.62 -10.51
N ALA A 127 -19.87 -2.93 -11.37
CA ALA A 127 -18.75 -2.02 -11.57
C ALA A 127 -19.21 -0.75 -12.26
N SER A 128 -20.44 -0.78 -12.78
CA SER A 128 -21.03 0.39 -13.42
C SER A 128 -21.71 1.33 -12.44
N GLN A 129 -21.87 0.88 -11.20
CA GLN A 129 -22.52 1.70 -10.18
C GLN A 129 -21.50 2.65 -9.56
N PRO A 130 -21.93 3.86 -9.19
CA PRO A 130 -21.04 4.92 -8.68
C PRO A 130 -20.34 4.52 -7.36
N TRP A 131 -20.91 3.57 -6.64
CA TRP A 131 -20.39 3.19 -5.32
C TRP A 131 -19.29 2.14 -5.42
N TYR A 132 -19.20 1.49 -6.58
CA TYR A 132 -18.34 0.32 -6.71
C TYR A 132 -16.86 0.67 -6.54
N ASP A 133 -16.41 1.69 -7.24
CA ASP A 133 -15.00 2.09 -7.18
C ASP A 133 -14.50 2.18 -5.73
N GLY A 134 -15.21 2.93 -4.89
CA GLY A 134 -14.84 3.00 -3.48
C GLY A 134 -14.94 1.68 -2.73
N ALA A 135 -16.00 0.91 -2.97
CA ALA A 135 -16.17 -0.40 -2.33
C ALA A 135 -15.00 -1.36 -2.67
N LEU A 136 -14.62 -1.40 -3.94
CA LEU A 136 -13.49 -2.22 -4.37
C LEU A 136 -12.22 -1.82 -3.62
N TYR A 137 -11.90 -0.55 -3.61
CA TYR A 137 -10.64 -0.12 -3.01
C TYR A 137 -10.61 -0.23 -1.48
N GLN A 138 -11.79 -0.17 -0.84
CA GLN A 138 -11.86 -0.47 0.59
C GLN A 138 -11.73 -1.95 0.89
N TYR A 139 -12.22 -2.79 -0.02
CA TYR A 139 -11.94 -4.21 0.08
C TYR A 139 -10.42 -4.44 -0.01
N TYR A 140 -9.76 -3.82 -0.98
CA TYR A 140 -8.29 -3.86 -1.09
C TYR A 140 -7.60 -3.28 0.16
N GLU A 141 -8.13 -2.18 0.68
CA GLU A 141 -7.59 -1.58 1.92
C GLU A 141 -7.60 -2.59 3.06
N TYR A 142 -8.71 -3.32 3.18
CA TYR A 142 -8.85 -4.38 4.16
C TYR A 142 -7.82 -5.51 3.93
N GLN A 143 -7.61 -5.89 2.68
CA GLN A 143 -6.64 -6.92 2.37
C GLN A 143 -5.22 -6.43 2.61
N PHE A 144 -4.97 -5.16 2.27
CA PHE A 144 -3.64 -4.56 2.50
C PHE A 144 -3.29 -4.57 3.99
N LEU A 145 -4.24 -4.20 4.83
CA LEU A 145 -3.97 -4.16 6.27
C LEU A 145 -3.44 -5.50 6.79
N GLN A 146 -3.99 -6.59 6.28
CA GLN A 146 -3.62 -7.94 6.74
C GLN A 146 -2.20 -8.33 6.34
N MSE A 147 -1.59 -7.58 5.43
CA MSE A 147 -0.21 -7.80 5.04
C MSE A 147 0.77 -7.31 6.10
O MSE A 147 2.00 -7.45 5.96
CB MSE A 147 0.10 -7.08 3.72
CG MSE A 147 -0.75 -7.53 2.56
SE MSE A 147 -0.41 -6.39 1.00
CE MSE A 147 -1.33 -7.46 -0.32
N ASN A 148 0.23 -6.69 7.14
CA ASN A 148 1.06 -5.97 8.11
C ASN A 148 0.94 -6.53 9.52
N ALA A 149 1.70 -7.58 9.81
CA ALA A 149 1.58 -8.32 11.07
C ALA A 149 2.20 -7.58 12.24
N ASN A 150 3.00 -6.57 11.95
CA ASN A 150 3.80 -5.89 12.98
C ASN A 150 3.44 -4.41 13.19
N VAL A 151 2.20 -4.06 12.84
CA VAL A 151 1.68 -2.74 13.09
C VAL A 151 0.41 -2.90 13.90
N ASN A 152 0.14 -1.97 14.82
CA ASN A 152 -1.05 -2.11 15.68
C ASN A 152 -2.32 -1.53 15.03
N TRP A 153 -2.72 -2.12 13.91
CA TRP A 153 -3.90 -1.65 13.20
C TRP A 153 -5.14 -2.39 13.68
N ILE A 154 -6.29 -1.74 13.54
CA ILE A 154 -7.57 -2.33 13.87
C ILE A 154 -8.56 -1.93 12.78
N GLY A 155 -9.27 -2.91 12.21
CA GLY A 155 -10.29 -2.61 11.21
C GLY A 155 -11.69 -2.70 11.78
N ILE A 156 -12.52 -1.70 11.47
CA ILE A 156 -13.92 -1.74 11.85
C ILE A 156 -14.81 -1.41 10.65
N SER A 157 -15.65 -2.36 10.29
CA SER A 157 -16.60 -2.16 9.19
C SER A 157 -17.93 -1.73 9.80
N PRO A 158 -18.60 -0.78 9.13
CA PRO A 158 -19.97 -0.44 9.45
C PRO A 158 -20.91 -1.56 9.02
N SER A 159 -22.13 -1.53 9.51
CA SER A 159 -23.24 -2.24 8.88
C SER A 159 -23.54 -1.60 7.53
N GLU A 160 -24.52 -2.16 6.84
CA GLU A 160 -24.86 -1.71 5.49
C GLU A 160 -25.23 -0.23 5.45
N ALA A 161 -25.89 0.25 6.51
CA ALA A 161 -26.30 1.65 6.57
C ALA A 161 -25.52 2.40 7.63
N PHE A 162 -24.98 3.57 7.27
CA PHE A 162 -24.14 4.35 8.19
C PHE A 162 -24.69 5.78 8.38
N PRO A 163 -25.92 5.90 8.89
CA PRO A 163 -26.58 7.20 9.04
C PRO A 163 -25.94 8.06 10.14
N SER A 164 -26.12 9.37 10.05
CA SER A 164 -25.73 10.27 11.12
C SER A 164 -26.68 10.09 12.29
N GLY A 165 -26.14 10.06 13.51
CA GLY A 165 -27.01 9.98 14.68
C GLY A 165 -26.23 9.91 15.97
N PRO A 166 -26.87 10.25 17.11
CA PRO A 166 -26.21 10.15 18.40
C PRO A 166 -25.94 8.70 18.80
N ALA A 167 -25.02 8.51 19.76
CA ALA A 167 -24.67 7.17 20.21
C ALA A 167 -25.77 6.66 21.14
N THR A 168 -25.97 5.34 21.12
CA THR A 168 -26.86 4.68 22.06
C THR A 168 -26.15 3.49 22.70
N SER A 169 -26.10 2.38 21.96
CA SER A 169 -25.21 1.25 22.27
C SER A 169 -24.95 0.54 20.95
N TYR A 170 -23.89 -0.27 20.90
CA TYR A 170 -23.63 -1.08 19.71
C TYR A 170 -23.45 -2.56 20.02
N VAL A 171 -23.69 -3.38 19.01
CA VAL A 171 -23.38 -4.81 19.06
C VAL A 171 -22.27 -5.12 18.06
N ALA A 172 -21.31 -5.95 18.46
CA ALA A 172 -20.16 -6.22 17.60
C ALA A 172 -20.11 -7.67 17.09
N GLY A 173 -19.57 -7.84 15.88
CA GLY A 173 -19.28 -9.17 15.36
C GLY A 173 -17.93 -9.16 14.69
N LYS A 174 -17.70 -10.14 13.81
CA LYS A 174 -16.37 -10.35 13.23
C LYS A 174 -16.42 -10.01 11.74
N ASP A 175 -16.87 -10.95 10.90
CA ASP A 175 -16.74 -10.80 9.44
C ASP A 175 -18.07 -10.87 8.71
N THR A 176 -19.16 -11.04 9.44
CA THR A 176 -20.48 -11.22 8.84
C THR A 176 -21.40 -10.04 9.12
N LEU A 177 -22.06 -9.55 8.08
CA LEU A 177 -23.05 -8.49 8.24
C LEU A 177 -24.00 -8.85 9.38
N LEU A 178 -24.26 -7.87 10.24
CA LEU A 178 -25.18 -8.00 11.35
C LEU A 178 -26.55 -7.39 11.03
N VAL A 179 -27.59 -8.06 11.48
CA VAL A 179 -28.95 -7.58 11.25
C VAL A 179 -29.66 -7.53 12.59
N GLY A 180 -30.32 -6.41 12.87
CA GLY A 180 -30.98 -6.22 14.15
C GLY A 180 -32.42 -6.74 14.17
N GLU A 181 -33.08 -6.54 15.29
CA GLU A 181 -34.44 -7.03 15.51
C GLU A 181 -35.40 -6.47 14.47
N ASP A 182 -35.05 -5.31 13.90
CA ASP A 182 -35.90 -4.66 12.89
C ASP A 182 -35.66 -5.21 11.50
N GLY A 183 -34.81 -6.23 11.40
CA GLY A 183 -34.45 -6.82 10.12
C GLY A 183 -33.57 -5.93 9.25
N GLN A 184 -33.03 -4.86 9.83
CA GLN A 184 -32.16 -3.97 9.08
C GLN A 184 -30.74 -4.00 9.61
N SER A 185 -29.83 -3.40 8.86
CA SER A 185 -28.43 -3.42 9.21
C SER A 185 -27.88 -1.98 9.19
N HIS A 186 -27.73 -1.39 10.37
CA HIS A 186 -27.34 0.02 10.45
C HIS A 186 -26.52 0.33 11.69
N ILE A 187 -25.66 1.32 11.56
CA ILE A 187 -24.90 1.86 12.68
C ILE A 187 -24.82 3.37 12.52
N THR A 188 -25.11 4.11 13.60
CA THR A 188 -24.99 5.56 13.59
C THR A 188 -23.54 6.00 13.70
N THR A 189 -23.27 7.22 13.23
CA THR A 189 -21.96 7.83 13.44
C THR A 189 -21.60 7.88 14.92
N GLY A 190 -22.59 8.13 15.79
CA GLY A 190 -22.34 8.16 17.23
C GLY A 190 -21.90 6.82 17.78
N ASN A 191 -22.57 5.75 17.34
CA ASN A 191 -22.25 4.40 17.82
C ASN A 191 -20.94 3.82 17.26
N MSE A 192 -20.64 4.18 16.01
CA MSE A 192 -19.32 3.92 15.46
C MSE A 192 -18.25 4.61 16.30
O MSE A 192 -17.21 4.00 16.60
CB MSE A 192 -19.23 4.37 13.99
CG MSE A 192 -17.84 4.24 13.40
SE MSE A 192 -17.18 2.39 13.32
CE MSE A 192 -18.30 1.75 11.85
N ALA A 193 -18.51 5.84 16.71
CA ALA A 193 -17.57 6.56 17.57
C ALA A 193 -17.35 5.82 18.90
N LEU A 194 -18.42 5.35 19.52
CA LEU A 194 -18.33 4.53 20.73
C LEU A 194 -17.40 3.35 20.51
N ALA A 195 -17.64 2.62 19.43
CA ALA A 195 -16.88 1.40 19.11
C ALA A 195 -15.40 1.70 18.89
N ILE A 196 -15.11 2.76 18.16
CA ILE A 196 -13.75 3.17 17.93
C ILE A 196 -13.00 3.55 19.21
N LEU A 197 -13.62 4.38 20.03
CA LEU A 197 -13.01 4.81 21.27
C LEU A 197 -12.91 3.65 22.25
N ASP A 198 -13.87 2.72 22.20
CA ASP A 198 -13.78 1.51 23.02
C ASP A 198 -12.51 0.75 22.69
N GLN A 199 -12.26 0.56 21.39
CA GLN A 199 -11.04 -0.15 20.96
C GLN A 199 -9.78 0.59 21.35
N LEU A 200 -9.78 1.92 21.17
CA LEU A 200 -8.60 2.72 21.54
C LEU A 200 -8.28 2.57 23.03
N GLU A 201 -9.32 2.57 23.87
CA GLU A 201 -9.11 2.51 25.32
C GLU A 201 -8.84 1.10 25.79
N HIS A 202 -9.43 0.12 25.11
CA HIS A 202 -9.24 -1.29 25.45
C HIS A 202 -9.15 -2.13 24.18
N PRO A 203 -7.98 -2.13 23.52
CA PRO A 203 -7.89 -2.79 22.21
C PRO A 203 -8.10 -4.30 22.34
N THR A 204 -9.12 -4.81 21.68
CA THR A 204 -9.35 -6.25 21.67
C THR A 204 -9.21 -6.81 20.25
N ALA A 205 -9.23 -5.93 19.26
CA ALA A 205 -9.27 -6.35 17.87
C ALA A 205 -8.01 -5.93 17.10
N ILE A 206 -6.87 -5.84 17.79
CA ILE A 206 -5.62 -5.53 17.12
C ILE A 206 -5.29 -6.57 16.04
N ARG A 207 -5.03 -6.09 14.83
CA ARG A 207 -4.73 -6.94 13.67
C ARG A 207 -5.91 -7.84 13.33
N ASP A 208 -7.11 -7.35 13.60
CA ASP A 208 -8.33 -8.07 13.26
C ASP A 208 -9.34 -7.05 12.75
N ARG A 209 -10.42 -7.55 12.18
CA ARG A 209 -11.52 -6.70 11.74
C ARG A 209 -12.77 -7.10 12.51
N ILE A 210 -13.47 -6.11 13.05
CA ILE A 210 -14.81 -6.31 13.57
C ILE A 210 -15.87 -5.52 12.80
N VAL A 211 -17.13 -5.89 12.96
CA VAL A 211 -18.23 -5.13 12.36
C VAL A 211 -19.13 -4.71 13.50
N VAL A 212 -19.77 -3.56 13.37
CA VAL A 212 -20.67 -3.08 14.44
C VAL A 212 -22.02 -2.64 13.92
N ARG A 213 -23.07 -2.90 14.70
CA ARG A 213 -24.39 -2.36 14.39
C ARG A 213 -24.98 -1.68 15.62
N ASP A 214 -26.02 -0.89 15.40
CA ASP A 214 -26.77 -0.29 16.50
C ASP A 214 -27.41 -1.41 17.31
N ALA A 215 -27.43 -1.24 18.63
CA ALA A 215 -28.12 -2.18 19.52
C ALA A 215 -29.62 -1.94 19.49
N ASP A 216 -30.36 -2.85 20.10
CA ASP A 216 -31.82 -2.80 20.09
C ASP A 216 -32.33 -2.58 21.52
N MSE B 1 13.33 9.29 -23.49
CA MSE B 1 12.39 9.67 -22.40
C MSE B 1 13.16 9.96 -21.11
O MSE B 1 14.35 9.64 -21.02
CB MSE B 1 11.39 8.52 -22.16
CG MSE B 1 11.93 7.42 -21.26
SE MSE B 1 10.76 5.84 -21.18
CE MSE B 1 9.04 6.70 -20.85
N LYS B 2 12.50 10.52 -20.10
CA LYS B 2 13.15 10.75 -18.81
C LYS B 2 12.76 9.67 -17.81
N ILE B 3 13.77 8.99 -17.27
CA ILE B 3 13.54 7.85 -16.40
C ILE B 3 14.10 8.14 -15.00
N ALA B 4 13.24 8.06 -13.97
CA ALA B 4 13.72 8.18 -12.60
C ALA B 4 14.01 6.78 -12.09
N VAL B 5 15.16 6.60 -11.46
CA VAL B 5 15.52 5.29 -10.95
C VAL B 5 15.64 5.38 -9.44
N LEU B 6 14.79 4.62 -8.75
CA LEU B 6 14.90 4.44 -7.29
C LEU B 6 15.85 3.29 -6.97
N GLY B 7 16.77 3.51 -6.04
CA GLY B 7 17.80 2.50 -5.80
C GLY B 7 18.84 2.52 -6.91
N ALA B 8 19.07 3.70 -7.47
CA ALA B 8 19.99 3.88 -8.59
C ALA B 8 21.42 3.44 -8.28
N THR B 9 21.83 3.54 -7.02
CA THR B 9 23.20 3.19 -6.64
C THR B 9 23.38 1.72 -6.32
N GLY B 10 22.27 0.97 -6.28
CA GLY B 10 22.31 -0.48 -6.05
C GLY B 10 22.90 -1.29 -7.21
N ARG B 11 22.92 -2.61 -7.05
CA ARG B 11 23.47 -3.50 -8.08
C ARG B 11 22.61 -3.47 -9.33
N ALA B 12 21.31 -3.65 -9.13
CA ALA B 12 20.39 -3.60 -10.27
C ALA B 12 20.27 -2.18 -10.76
N GLY B 13 20.09 -1.26 -9.81
CA GLY B 13 19.90 0.16 -10.15
C GLY B 13 21.01 0.73 -11.01
N SER B 14 22.27 0.42 -10.68
CA SER B 14 23.37 1.05 -11.39
C SER B 14 23.44 0.49 -12.82
N ALA B 15 23.06 -0.78 -12.96
CA ALA B 15 23.05 -1.42 -14.28
C ALA B 15 21.93 -0.81 -15.13
N ILE B 16 20.81 -0.48 -14.48
CA ILE B 16 19.65 0.12 -15.16
C ILE B 16 19.99 1.52 -15.65
N VAL B 17 20.66 2.30 -14.80
CA VAL B 17 21.10 3.65 -15.18
C VAL B 17 22.04 3.59 -16.38
N ALA B 18 22.99 2.66 -16.34
CA ALA B 18 23.92 2.49 -17.49
C ALA B 18 23.15 2.17 -18.78
N GLU B 19 22.26 1.17 -18.72
CA GLU B 19 21.54 0.76 -19.92
C GLU B 19 20.64 1.89 -20.43
N ALA B 20 20.03 2.61 -19.49
CA ALA B 20 19.22 3.78 -19.87
C ALA B 20 20.06 4.80 -20.64
N ARG B 21 21.26 5.10 -20.14
CA ARG B 21 22.14 6.07 -20.80
C ARG B 21 22.65 5.58 -22.15
N ARG B 22 22.92 4.27 -22.24
CA ARG B 22 23.32 3.67 -23.51
C ARG B 22 22.21 3.88 -24.54
N ARG B 23 20.97 3.75 -24.10
CA ARG B 23 19.82 3.81 -24.97
C ARG B 23 19.31 5.24 -25.13
N GLY B 24 20.06 6.21 -24.61
CA GLY B 24 19.84 7.61 -24.97
C GLY B 24 18.73 8.26 -24.17
N HIS B 25 18.44 7.73 -22.99
CA HIS B 25 17.43 8.32 -22.12
C HIS B 25 18.05 9.21 -21.04
N GLU B 26 17.28 10.21 -20.62
CA GLU B 26 17.69 11.12 -19.53
C GLU B 26 17.35 10.47 -18.19
N VAL B 27 18.35 10.32 -17.33
CA VAL B 27 18.16 9.62 -16.08
C VAL B 27 18.14 10.59 -14.91
N LEU B 28 17.20 10.37 -14.00
CA LEU B 28 17.19 11.05 -12.71
C LEU B 28 17.39 9.98 -11.65
N ALA B 29 18.55 9.99 -11.00
CA ALA B 29 18.89 8.96 -10.03
C ALA B 29 18.53 9.44 -8.64
N VAL B 30 17.56 8.78 -8.00
CA VAL B 30 17.19 9.06 -6.63
C VAL B 30 18.11 8.29 -5.69
N VAL B 31 18.88 9.02 -4.89
CA VAL B 31 19.96 8.42 -4.11
C VAL B 31 20.00 9.00 -2.72
N ARG B 32 20.69 8.30 -1.82
CA ARG B 32 20.92 8.87 -0.49
C ARG B 32 22.41 9.13 -0.26
N ASP B 33 23.24 8.62 -1.16
CA ASP B 33 24.69 8.67 -0.97
C ASP B 33 25.36 9.29 -2.20
N PRO B 34 25.58 10.61 -2.18
CA PRO B 34 26.13 11.32 -3.33
C PRO B 34 27.46 10.74 -3.83
N GLN B 35 28.34 10.36 -2.92
CA GLN B 35 29.66 9.87 -3.32
C GLN B 35 29.54 8.54 -4.07
N LYS B 36 28.64 7.69 -3.57
CA LYS B 36 28.29 6.46 -4.29
C LYS B 36 27.72 6.74 -5.68
N ALA B 37 26.87 7.76 -5.79
CA ALA B 37 26.32 8.16 -7.09
C ALA B 37 27.40 8.63 -8.02
N ALA B 38 28.30 9.48 -7.52
CA ALA B 38 29.39 9.98 -8.33
C ALA B 38 30.28 8.83 -8.82
N ASP B 39 30.60 7.89 -7.93
CA ASP B 39 31.46 6.76 -8.26
C ASP B 39 30.79 5.74 -9.18
N ARG B 40 29.52 5.41 -8.92
CA ARG B 40 28.90 4.30 -9.64
C ARG B 40 28.13 4.74 -10.88
N LEU B 41 27.62 5.97 -10.89
CA LEU B 41 26.76 6.43 -11.98
C LEU B 41 27.50 7.40 -12.87
N GLY B 42 28.39 8.19 -12.27
CA GLY B 42 29.15 9.17 -13.01
C GLY B 42 28.73 10.60 -12.73
N ALA B 43 29.70 11.51 -12.79
CA ALA B 43 29.46 12.93 -12.61
C ALA B 43 28.32 13.41 -13.49
N THR B 44 28.00 12.65 -14.54
CA THR B 44 27.15 13.14 -15.62
C THR B 44 25.66 12.89 -15.40
N VAL B 45 25.31 12.10 -14.39
CA VAL B 45 23.93 11.69 -14.16
C VAL B 45 23.25 12.59 -13.13
N ALA B 46 22.10 13.15 -13.48
CA ALA B 46 21.32 14.00 -12.59
C ALA B 46 20.89 13.22 -11.36
N THR B 47 20.93 13.88 -10.22
CA THR B 47 20.69 13.23 -8.94
C THR B 47 19.56 13.94 -8.17
N LEU B 48 18.78 13.16 -7.46
CA LEU B 48 17.84 13.69 -6.49
C LEU B 48 18.10 13.01 -5.15
N VAL B 49 18.68 13.76 -4.21
CA VAL B 49 19.05 13.20 -2.92
C VAL B 49 17.90 13.32 -1.92
N LYS B 50 17.15 12.23 -1.76
CA LYS B 50 15.91 12.27 -1.02
C LYS B 50 15.48 10.85 -0.64
N GLU B 51 14.90 10.72 0.55
CA GLU B 51 14.28 9.47 0.97
C GLU B 51 13.12 9.13 0.03
N PRO B 52 13.11 7.89 -0.49
CA PRO B 52 12.07 7.50 -1.42
C PRO B 52 10.65 7.72 -0.87
N LEU B 53 10.48 7.57 0.44
CA LEU B 53 9.15 7.68 1.03
C LEU B 53 8.67 9.13 1.13
N VAL B 54 9.55 10.09 0.84
CA VAL B 54 9.11 11.49 0.83
C VAL B 54 9.09 12.11 -0.59
N LEU B 55 9.37 11.29 -1.60
CA LEU B 55 9.18 11.72 -2.99
C LEU B 55 7.77 12.25 -3.18
N THR B 56 7.64 13.36 -3.92
CA THR B 56 6.34 13.99 -4.18
C THR B 56 5.93 13.81 -5.64
N GLU B 57 4.68 14.12 -5.93
CA GLU B 57 4.21 14.15 -7.31
C GLU B 57 5.04 15.11 -8.16
N ALA B 58 5.37 16.27 -7.60
CA ALA B 58 6.15 17.29 -8.32
C ALA B 58 7.55 16.79 -8.69
N ASP B 59 8.15 16.01 -7.80
CA ASP B 59 9.45 15.40 -8.08
C ASP B 59 9.40 14.57 -9.36
N LEU B 60 8.25 13.97 -9.62
CA LEU B 60 8.14 12.96 -10.68
C LEU B 60 7.44 13.45 -11.95
N ASP B 61 7.02 14.71 -12.00
CA ASP B 61 6.09 15.10 -13.04
C ASP B 61 6.76 15.44 -14.38
N SER B 62 8.09 15.55 -14.36
CA SER B 62 8.85 15.62 -15.61
C SER B 62 9.24 14.25 -16.16
N VAL B 63 9.01 13.19 -15.40
CA VAL B 63 9.48 11.85 -15.82
C VAL B 63 8.44 11.02 -16.56
N ASP B 64 8.90 10.25 -17.54
CA ASP B 64 8.04 9.37 -18.34
C ASP B 64 7.96 7.95 -17.77
N ALA B 65 8.98 7.56 -17.03
CA ALA B 65 9.03 6.24 -16.39
C ALA B 65 9.80 6.28 -15.06
N VAL B 66 9.40 5.40 -14.14
CA VAL B 66 10.08 5.21 -12.88
C VAL B 66 10.42 3.72 -12.71
N VAL B 67 11.63 3.44 -12.23
CA VAL B 67 12.03 2.05 -11.98
C VAL B 67 12.33 1.87 -10.50
N ASP B 68 11.67 0.91 -9.87
CA ASP B 68 11.92 0.61 -8.44
C ASP B 68 12.97 -0.49 -8.33
N ALA B 69 14.20 -0.08 -8.06
CA ALA B 69 15.31 -1.02 -7.87
C ALA B 69 15.82 -0.98 -6.41
N LEU B 70 14.95 -0.56 -5.48
CA LEU B 70 15.31 -0.54 -4.05
C LEU B 70 15.31 -1.94 -3.47
N SER B 71 16.08 -2.14 -2.41
CA SER B 71 16.05 -3.40 -1.69
C SER B 71 16.31 -3.18 -0.20
N VAL B 72 16.25 -4.26 0.55
CA VAL B 72 16.45 -4.25 1.98
C VAL B 72 17.46 -5.36 2.31
N PRO B 73 18.47 -5.05 3.13
CA PRO B 73 19.42 -6.08 3.56
C PRO B 73 18.72 -7.20 4.34
N TRP B 74 19.21 -8.42 4.21
CA TRP B 74 18.74 -9.54 5.01
C TRP B 74 19.01 -9.30 6.49
N GLY B 75 18.12 -9.81 7.34
CA GLY B 75 18.26 -9.70 8.79
C GLY B 75 18.21 -8.30 9.35
N SER B 76 17.71 -7.35 8.57
CA SER B 76 17.52 -5.99 9.07
C SER B 76 16.21 -5.85 9.84
N GLY B 77 15.24 -6.71 9.50
CA GLY B 77 13.89 -6.61 10.03
C GLY B 77 13.04 -5.61 9.26
N ARG B 78 13.61 -5.00 8.24
CA ARG B 78 12.95 -3.88 7.54
C ARG B 78 12.42 -4.28 6.16
N GLY B 79 12.09 -5.56 6.03
CA GLY B 79 11.50 -6.09 4.80
C GLY B 79 10.23 -5.38 4.41
N TYR B 80 9.56 -4.75 5.38
CA TYR B 80 8.34 -3.98 5.07
C TYR B 80 8.57 -2.86 4.06
N LEU B 81 9.83 -2.40 3.94
CA LEU B 81 10.15 -1.32 3.00
C LEU B 81 9.91 -1.72 1.54
N HIS B 82 10.08 -2.99 1.20
CA HIS B 82 9.70 -3.45 -0.14
C HIS B 82 8.27 -3.04 -0.49
N LEU B 83 7.38 -3.21 0.49
CA LEU B 83 5.98 -2.83 0.32
C LEU B 83 5.79 -1.32 0.39
N ASP B 84 6.34 -0.69 1.42
CA ASP B 84 6.17 0.75 1.62
C ASP B 84 6.67 1.59 0.45
N PHE B 85 7.81 1.21 -0.14
CA PHE B 85 8.33 2.00 -1.26
C PHE B 85 7.39 1.89 -2.46
N ALA B 86 6.87 0.68 -2.70
CA ALA B 86 5.95 0.45 -3.81
C ALA B 86 4.60 1.13 -3.63
N THR B 87 4.05 1.09 -2.42
CA THR B 87 2.75 1.71 -2.19
C THR B 87 2.87 3.23 -2.31
N HIS B 88 3.98 3.79 -1.83
CA HIS B 88 4.23 5.22 -2.00
C HIS B 88 4.37 5.60 -3.47
N LEU B 89 5.16 4.85 -4.21
CA LEU B 89 5.34 5.15 -5.65
C LEU B 89 4.01 5.13 -6.40
N VAL B 90 3.22 4.06 -6.18
CA VAL B 90 1.93 3.94 -6.82
C VAL B 90 1.03 5.13 -6.53
N SER B 91 1.04 5.58 -5.28
CA SER B 91 0.24 6.74 -4.89
C SER B 91 0.56 8.00 -5.69
N LEU B 92 1.77 8.07 -6.25
CA LEU B 92 2.22 9.26 -6.99
C LEU B 92 1.86 9.16 -8.46
N LEU B 93 1.43 7.98 -8.89
CA LEU B 93 1.19 7.75 -10.32
C LEU B 93 -0.29 7.71 -10.70
N ARG B 94 -1.15 8.09 -9.77
CA ARG B 94 -2.58 8.06 -10.02
C ARG B 94 -2.96 9.07 -11.10
N ASN B 95 -3.81 8.62 -12.02
CA ASN B 95 -4.14 9.38 -13.21
C ASN B 95 -2.92 9.95 -13.98
N SER B 96 -1.88 9.15 -14.14
CA SER B 96 -0.76 9.54 -15.00
C SER B 96 -0.36 8.44 -15.95
N ASP B 97 0.32 8.81 -17.04
CA ASP B 97 0.69 7.86 -18.08
C ASP B 97 1.97 7.13 -17.68
N THR B 98 2.66 7.68 -16.70
CA THR B 98 4.00 7.22 -16.33
C THR B 98 4.08 5.71 -16.16
N LEU B 99 5.06 5.09 -16.82
CA LEU B 99 5.33 3.65 -16.68
C LEU B 99 6.15 3.44 -15.42
N ALA B 100 5.77 2.45 -14.63
CA ALA B 100 6.52 2.12 -13.42
C ALA B 100 6.88 0.64 -13.43
N VAL B 101 8.18 0.36 -13.46
CA VAL B 101 8.65 -1.02 -13.40
C VAL B 101 9.15 -1.36 -12.01
N PHE B 102 8.65 -2.45 -11.44
CA PHE B 102 9.02 -2.90 -10.10
C PHE B 102 9.78 -4.22 -10.18
N ILE B 103 11.00 -4.24 -9.67
CA ILE B 103 11.70 -5.51 -9.55
C ILE B 103 11.15 -6.27 -8.34
N LEU B 104 10.62 -7.45 -8.59
CA LEU B 104 10.00 -8.25 -7.54
C LEU B 104 10.93 -9.39 -7.13
N GLY B 105 10.40 -10.39 -6.44
CA GLY B 105 11.24 -11.47 -5.93
C GLY B 105 10.89 -12.80 -6.59
N SER B 106 11.72 -13.80 -6.39
CA SER B 106 11.47 -15.10 -7.01
C SER B 106 10.46 -15.92 -6.21
N ALA B 107 10.27 -15.58 -4.93
CA ALA B 107 9.40 -16.35 -4.06
C ALA B 107 7.91 -16.30 -4.47
N SER B 108 7.54 -15.28 -5.24
CA SER B 108 6.18 -15.17 -5.73
C SER B 108 5.99 -15.94 -7.04
N LEU B 109 7.06 -16.55 -7.55
CA LEU B 109 6.97 -17.41 -8.73
C LEU B 109 6.60 -18.85 -8.33
N ALA B 110 6.00 -19.59 -9.25
CA ALA B 110 5.83 -21.02 -9.07
C ALA B 110 7.16 -21.77 -9.30
N MSE B 111 7.39 -22.84 -8.54
CA MSE B 111 8.38 -23.83 -8.96
C MSE B 111 7.98 -24.40 -10.32
O MSE B 111 6.79 -24.38 -10.66
CB MSE B 111 8.48 -24.96 -7.93
CG MSE B 111 9.03 -24.51 -6.60
SE MSE B 111 10.95 -24.06 -6.73
CE MSE B 111 11.39 -24.04 -4.80
N PRO B 112 8.96 -24.84 -11.12
CA PRO B 112 8.66 -25.40 -12.44
C PRO B 112 7.57 -26.45 -12.38
N GLY B 113 6.45 -26.19 -13.06
CA GLY B 113 5.35 -27.14 -13.08
C GLY B 113 4.20 -26.86 -12.14
N ALA B 114 4.44 -26.08 -11.10
CA ALA B 114 3.42 -25.79 -10.10
C ALA B 114 2.50 -24.69 -10.60
N ASP B 115 1.31 -24.58 -10.01
CA ASP B 115 0.35 -23.57 -10.43
C ASP B 115 0.12 -22.46 -9.41
N HIS B 116 1.07 -22.27 -8.49
CA HIS B 116 0.90 -21.30 -7.41
C HIS B 116 2.27 -20.83 -6.89
N PRO B 117 2.32 -19.61 -6.31
CA PRO B 117 3.57 -19.06 -5.77
C PRO B 117 4.25 -20.02 -4.79
N MSE B 118 5.56 -20.21 -4.95
CA MSE B 118 6.29 -21.18 -4.14
C MSE B 118 6.31 -20.84 -2.65
O MSE B 118 6.41 -21.73 -1.81
CB MSE B 118 7.71 -21.37 -4.67
CG MSE B 118 8.59 -20.15 -4.50
SE MSE B 118 10.42 -20.48 -5.09
CE MSE B 118 10.20 -20.24 -7.02
N ILE B 119 6.20 -19.56 -2.33
CA ILE B 119 6.19 -19.12 -0.92
C ILE B 119 5.07 -19.78 -0.13
N LEU B 120 3.98 -20.13 -0.79
CA LEU B 120 2.84 -20.74 -0.10
C LEU B 120 3.20 -22.13 0.43
N ASP B 121 4.23 -22.73 -0.16
CA ASP B 121 4.61 -24.10 0.19
C ASP B 121 5.82 -24.18 1.13
N PHE B 122 6.41 -23.02 1.45
CA PHE B 122 7.56 -23.00 2.35
C PHE B 122 7.18 -23.62 3.70
N PRO B 123 8.09 -24.43 4.27
CA PRO B 123 7.86 -24.90 5.64
C PRO B 123 7.80 -23.75 6.63
N GLU B 124 7.38 -24.06 7.85
CA GLU B 124 7.32 -23.08 8.93
C GLU B 124 8.70 -22.56 9.31
N SER B 125 9.72 -23.41 9.14
CA SER B 125 11.09 -23.04 9.47
C SER B 125 11.61 -21.89 8.61
N ALA B 126 11.01 -21.70 7.43
CA ALA B 126 11.48 -20.66 6.52
C ALA B 126 11.52 -19.30 7.22
N ALA B 127 10.55 -19.06 8.10
CA ALA B 127 10.39 -17.74 8.70
C ALA B 127 11.56 -17.38 9.60
N SER B 128 12.39 -18.37 9.92
CA SER B 128 13.56 -18.15 10.75
C SER B 128 14.77 -17.76 9.91
N GLN B 129 14.65 -17.89 8.59
CA GLN B 129 15.75 -17.53 7.69
C GLN B 129 15.78 -16.01 7.45
N PRO B 130 16.98 -15.43 7.41
CA PRO B 130 17.13 -13.96 7.30
C PRO B 130 16.60 -13.39 5.98
N TRP B 131 16.42 -14.25 4.98
CA TRP B 131 15.86 -13.82 3.69
C TRP B 131 14.33 -13.74 3.68
N TYR B 132 13.70 -14.35 4.67
CA TYR B 132 12.24 -14.55 4.61
C TYR B 132 11.47 -13.22 4.68
N ASP B 133 11.84 -12.39 5.65
CA ASP B 133 11.20 -11.08 5.85
C ASP B 133 11.04 -10.34 4.51
N GLY B 134 12.15 -10.13 3.81
CA GLY B 134 12.11 -9.48 2.50
C GLY B 134 11.27 -10.23 1.48
N ALA B 135 11.43 -11.56 1.43
CA ALA B 135 10.66 -12.39 0.50
C ALA B 135 9.14 -12.24 0.68
N LEU B 136 8.70 -12.33 1.94
CA LEU B 136 7.30 -12.18 2.29
C LEU B 136 6.76 -10.83 1.82
N TYR B 137 7.47 -9.76 2.17
CA TYR B 137 7.01 -8.44 1.79
C TYR B 137 7.06 -8.16 0.31
N GLN B 138 7.95 -8.84 -0.42
CA GLN B 138 7.94 -8.70 -1.88
C GLN B 138 6.82 -9.49 -2.55
N TYR B 139 6.40 -10.59 -1.91
CA TYR B 139 5.21 -11.31 -2.32
C TYR B 139 3.98 -10.41 -2.12
N TYR B 140 3.93 -9.76 -0.97
CA TYR B 140 2.88 -8.77 -0.72
C TYR B 140 2.92 -7.60 -1.71
N GLU B 141 4.13 -7.12 -2.01
CA GLU B 141 4.32 -6.04 -2.99
C GLU B 141 3.71 -6.43 -4.33
N TYR B 142 3.97 -7.67 -4.75
CA TYR B 142 3.40 -8.22 -5.98
C TYR B 142 1.86 -8.26 -5.91
N GLN B 143 1.33 -8.72 -4.79
CA GLN B 143 -0.12 -8.74 -4.61
C GLN B 143 -0.72 -7.34 -4.63
N PHE B 144 -0.06 -6.41 -3.93
CA PHE B 144 -0.50 -5.02 -3.90
C PHE B 144 -0.56 -4.42 -5.30
N LEU B 145 0.45 -4.67 -6.11
CA LEU B 145 0.46 -4.12 -7.46
C LEU B 145 -0.81 -4.48 -8.24
N GLN B 146 -1.27 -5.71 -8.07
CA GLN B 146 -2.44 -6.22 -8.76
C GLN B 146 -3.75 -5.58 -8.31
N MSE B 147 -3.70 -4.86 -7.19
CA MSE B 147 -4.86 -4.09 -6.74
C MSE B 147 -5.08 -2.82 -7.53
O MSE B 147 -5.98 -2.03 -7.22
CB MSE B 147 -4.69 -3.70 -5.28
CG MSE B 147 -4.51 -4.87 -4.36
SE MSE B 147 -4.20 -4.29 -2.55
CE MSE B 147 -4.30 -6.05 -1.70
N ASN B 148 -4.17 -2.53 -8.47
CA ASN B 148 -4.16 -1.23 -9.12
C ASN B 148 -4.32 -1.30 -10.65
N ALA B 149 -5.57 -1.35 -11.09
CA ALA B 149 -5.88 -1.67 -12.49
C ALA B 149 -5.68 -0.47 -13.40
N ASN B 150 -5.52 0.71 -12.81
CA ASN B 150 -5.52 1.97 -13.55
C ASN B 150 -4.17 2.69 -13.48
N VAL B 151 -3.12 1.97 -13.12
CA VAL B 151 -1.77 2.52 -13.13
C VAL B 151 -0.93 1.69 -14.08
N ASN B 152 0.01 2.33 -14.78
CA ASN B 152 0.85 1.61 -15.75
C ASN B 152 2.06 0.94 -15.11
N TRP B 153 1.81 0.04 -14.16
CA TRP B 153 2.88 -0.68 -13.50
C TRP B 153 3.24 -1.94 -14.27
N ILE B 154 4.51 -2.34 -14.16
CA ILE B 154 5.00 -3.56 -14.76
C ILE B 154 5.84 -4.27 -13.70
N GLY B 155 5.62 -5.57 -13.55
CA GLY B 155 6.37 -6.35 -12.57
C GLY B 155 7.36 -7.30 -13.24
N ILE B 156 8.61 -7.27 -12.78
CA ILE B 156 9.63 -8.20 -13.29
C ILE B 156 10.34 -8.92 -12.15
N SER B 157 10.19 -10.24 -12.14
CA SER B 157 10.86 -11.07 -11.14
C SER B 157 12.17 -11.58 -11.73
N PRO B 158 13.24 -11.57 -10.91
CA PRO B 158 14.45 -12.26 -11.31
C PRO B 158 14.26 -13.77 -11.18
N SER B 159 15.10 -14.54 -11.87
CA SER B 159 15.31 -15.93 -11.49
C SER B 159 15.82 -16.07 -10.05
N GLU B 160 16.06 -17.30 -9.65
CA GLU B 160 16.49 -17.58 -8.29
C GLU B 160 17.78 -16.82 -7.93
N ALA B 161 18.74 -16.77 -8.85
CA ALA B 161 20.00 -16.06 -8.60
C ALA B 161 20.10 -14.78 -9.40
N PHE B 162 20.58 -13.71 -8.76
CA PHE B 162 20.66 -12.38 -9.38
C PHE B 162 22.08 -11.80 -9.25
N PRO B 163 23.08 -12.51 -9.82
CA PRO B 163 24.49 -12.11 -9.76
C PRO B 163 24.78 -10.84 -10.57
N SER B 164 25.83 -10.12 -10.18
CA SER B 164 26.32 -8.99 -10.96
C SER B 164 26.94 -9.53 -12.24
N GLY B 165 26.68 -8.87 -13.36
CA GLY B 165 27.38 -9.23 -14.58
C GLY B 165 26.84 -8.45 -15.77
N PRO B 166 27.57 -8.50 -16.89
CA PRO B 166 27.18 -7.73 -18.05
C PRO B 166 25.97 -8.37 -18.75
N ALA B 167 25.29 -7.57 -19.56
CA ALA B 167 24.21 -8.06 -20.41
C ALA B 167 24.71 -9.02 -21.49
N THR B 168 23.94 -10.08 -21.74
CA THR B 168 24.14 -10.88 -22.94
C THR B 168 22.85 -10.95 -23.76
N SER B 169 21.93 -11.81 -23.35
CA SER B 169 20.53 -11.81 -23.81
C SER B 169 19.73 -12.39 -22.64
N TYR B 170 18.43 -12.21 -22.65
CA TYR B 170 17.56 -12.89 -21.69
C TYR B 170 16.42 -13.65 -22.35
N VAL B 171 15.84 -14.58 -21.58
CA VAL B 171 14.63 -15.31 -21.95
C VAL B 171 13.54 -14.93 -20.93
N ALA B 172 12.36 -14.61 -21.42
CA ALA B 172 11.26 -14.19 -20.53
C ALA B 172 10.19 -15.29 -20.37
N GLY B 173 9.60 -15.34 -19.17
CA GLY B 173 8.38 -16.10 -18.93
C GLY B 173 7.35 -15.27 -18.17
N LYS B 174 6.37 -15.96 -17.59
CA LYS B 174 5.27 -15.29 -16.90
C LYS B 174 5.38 -15.45 -15.40
N ASP B 175 4.93 -16.59 -14.89
CA ASP B 175 4.76 -16.76 -13.43
C ASP B 175 5.56 -17.93 -12.89
N THR B 176 6.32 -18.59 -13.75
CA THR B 176 7.03 -19.80 -13.34
C THR B 176 8.55 -19.63 -13.42
N LEU B 177 9.25 -20.09 -12.38
CA LEU B 177 10.69 -20.07 -12.37
C LEU B 177 11.25 -20.68 -13.66
N LEU B 178 12.24 -20.01 -14.24
CA LEU B 178 12.88 -20.46 -15.47
C LEU B 178 14.23 -21.13 -15.19
N VAL B 179 14.50 -22.23 -15.89
CA VAL B 179 15.75 -22.94 -15.70
C VAL B 179 16.44 -23.06 -17.06
N GLY B 180 17.71 -22.71 -17.11
CA GLY B 180 18.46 -22.79 -18.36
C GLY B 180 19.05 -24.16 -18.63
N GLU B 181 19.86 -24.24 -19.68
CA GLU B 181 20.40 -25.52 -20.14
C GLU B 181 21.49 -26.03 -19.20
N ASP B 182 21.95 -25.16 -18.30
CA ASP B 182 22.88 -25.57 -17.25
C ASP B 182 22.18 -26.16 -16.04
N GLY B 183 20.85 -26.17 -16.06
CA GLY B 183 20.05 -26.64 -14.94
C GLY B 183 19.89 -25.63 -13.83
N GLN B 184 20.36 -24.40 -14.06
CA GLN B 184 20.33 -23.35 -13.05
C GLN B 184 19.33 -22.27 -13.40
N SER B 185 19.03 -21.43 -12.43
CA SER B 185 18.13 -20.31 -12.65
C SER B 185 18.85 -19.04 -12.21
N HIS B 186 19.25 -18.22 -13.18
CA HIS B 186 19.99 -16.99 -12.86
C HIS B 186 19.78 -15.91 -13.91
N ILE B 187 19.88 -14.66 -13.46
CA ILE B 187 19.82 -13.50 -14.34
C ILE B 187 20.87 -12.51 -13.83
N THR B 188 21.67 -11.94 -14.74
CA THR B 188 22.65 -10.95 -14.36
C THR B 188 22.01 -9.56 -14.19
N THR B 189 22.64 -8.71 -13.38
CA THR B 189 22.22 -7.31 -13.30
C THR B 189 22.14 -6.64 -14.68
N GLY B 190 23.04 -7.00 -15.58
CA GLY B 190 23.04 -6.44 -16.94
C GLY B 190 21.85 -6.90 -17.77
N ASN B 191 21.53 -8.18 -17.69
CA ASN B 191 20.37 -8.72 -18.40
C ASN B 191 19.01 -8.26 -17.86
N MSE B 192 18.91 -8.17 -16.53
CA MSE B 192 17.75 -7.48 -15.94
C MSE B 192 17.58 -6.06 -16.47
O MSE B 192 16.48 -5.64 -16.84
CB MSE B 192 17.86 -7.47 -14.40
CG MSE B 192 16.74 -6.70 -13.69
SE MSE B 192 14.97 -7.48 -13.99
CE MSE B 192 15.12 -9.05 -12.82
N ALA B 193 18.69 -5.34 -16.61
CA ALA B 193 18.63 -3.98 -17.16
C ALA B 193 18.13 -3.98 -18.61
N LEU B 194 18.61 -4.91 -19.42
CA LEU B 194 18.05 -5.11 -20.77
C LEU B 194 16.53 -5.28 -20.72
N ALA B 195 16.07 -6.19 -19.87
CA ALA B 195 14.64 -6.52 -19.80
C ALA B 195 13.81 -5.31 -19.39
N ILE B 196 14.32 -4.55 -18.43
CA ILE B 196 13.61 -3.39 -17.92
C ILE B 196 13.52 -2.31 -19.01
N LEU B 197 14.64 -2.03 -19.66
CA LEU B 197 14.65 -1.00 -20.70
C LEU B 197 13.84 -1.43 -21.92
N ASP B 198 13.83 -2.72 -22.21
CA ASP B 198 12.96 -3.24 -23.26
C ASP B 198 11.50 -2.95 -22.95
N GLN B 199 11.10 -3.15 -21.69
CA GLN B 199 9.70 -2.92 -21.30
C GLN B 199 9.36 -1.43 -21.33
N LEU B 200 10.31 -0.60 -20.91
CA LEU B 200 10.16 0.85 -20.99
C LEU B 200 9.97 1.35 -22.41
N GLU B 201 10.77 0.83 -23.34
CA GLU B 201 10.71 1.24 -24.74
C GLU B 201 9.55 0.62 -25.51
N HIS B 202 9.22 -0.64 -25.20
CA HIS B 202 8.06 -1.31 -25.79
C HIS B 202 7.29 -2.11 -24.74
N PRO B 203 6.41 -1.43 -23.99
CA PRO B 203 5.76 -2.17 -22.91
C PRO B 203 4.89 -3.27 -23.49
N THR B 204 5.10 -4.49 -23.02
CA THR B 204 4.21 -5.60 -23.41
C THR B 204 3.60 -6.23 -22.16
N ALA B 205 4.15 -5.86 -21.01
CA ALA B 205 3.73 -6.48 -19.74
C ALA B 205 3.07 -5.49 -18.77
N ILE B 206 2.40 -4.47 -19.29
CA ILE B 206 1.70 -3.52 -18.44
C ILE B 206 0.60 -4.21 -17.61
N ARG B 207 0.61 -3.93 -16.31
CA ARG B 207 -0.27 -4.56 -15.32
C ARG B 207 -0.13 -6.08 -15.38
N ASP B 208 1.10 -6.54 -15.60
CA ASP B 208 1.40 -7.94 -15.60
C ASP B 208 2.76 -8.17 -14.96
N ARG B 209 3.07 -9.42 -14.68
CA ARG B 209 4.38 -9.77 -14.14
C ARG B 209 5.06 -10.75 -15.09
N ILE B 210 6.30 -10.43 -15.46
CA ILE B 210 7.13 -11.40 -16.13
C ILE B 210 8.34 -11.86 -15.31
N VAL B 211 8.95 -12.97 -15.70
CA VAL B 211 10.19 -13.44 -15.09
C VAL B 211 11.22 -13.54 -16.20
N VAL B 212 12.48 -13.29 -15.86
CA VAL B 212 13.56 -13.33 -16.85
C VAL B 212 14.75 -14.13 -16.33
N ARG B 213 15.38 -14.89 -17.22
CA ARG B 213 16.64 -15.55 -16.92
C ARG B 213 17.67 -15.23 -18.02
N ASP B 214 18.94 -15.45 -17.71
CA ASP B 214 20.00 -15.28 -18.70
C ASP B 214 19.71 -16.27 -19.82
N ALA B 215 19.86 -15.82 -21.08
CA ALA B 215 19.81 -16.74 -22.23
C ALA B 215 20.97 -17.72 -22.24
N ASP B 216 20.79 -18.84 -22.95
CA ASP B 216 21.78 -19.91 -22.99
C ASP B 216 22.95 -19.46 -23.85
PA NDP C . -17.35 11.88 4.88
O1A NDP C . -17.79 11.89 3.39
O2A NDP C . -18.23 12.57 5.87
O5B NDP C . -15.90 12.73 4.61
C5B NDP C . -14.81 12.00 5.22
C4B NDP C . -13.54 12.92 5.36
O4B NDP C . -12.76 12.78 4.20
C3B NDP C . -13.91 14.45 5.43
O3B NDP C . -13.30 14.95 6.58
C2B NDP C . -13.21 15.01 4.12
O2B NDP C . -12.75 16.31 4.17
C1B NDP C . -12.06 13.98 4.00
N9A NDP C . -11.55 13.93 2.62
C8A NDP C . -12.28 13.46 1.50
N7A NDP C . -11.58 13.49 0.37
C5A NDP C . -10.31 13.98 0.76
C6A NDP C . -9.15 14.19 -0.02
N6A NDP C . -9.21 13.96 -1.36
N1A NDP C . -8.12 14.91 0.55
C2A NDP C . -8.16 15.08 1.90
N3A NDP C . -9.14 14.73 2.79
C4A NDP C . -10.25 14.25 2.16
O3 NDP C . -17.38 10.33 5.13
PN NDP C . -18.06 9.26 6.14
O1N NDP C . -17.85 9.75 7.58
O2N NDP C . -19.50 9.24 5.72
O5D NDP C . -17.32 7.81 6.04
C5D NDP C . -16.23 7.44 6.88
C4D NDP C . -15.83 5.99 6.52
O4D NDP C . -17.03 5.25 6.57
C3D NDP C . -15.17 5.75 5.14
O3D NDP C . -14.25 4.72 5.24
C2D NDP C . -16.44 5.37 4.28
O2D NDP C . -16.09 4.53 3.22
C1D NDP C . -17.19 4.52 5.37
N1N NDP C . -18.57 4.26 4.98
C2N NDP C . -18.90 2.87 4.69
C3N NDP C . -20.27 2.65 4.05
C7N NDP C . -20.72 1.22 4.28
O7N NDP C . -19.93 0.31 4.18
N7N NDP C . -22.08 0.97 4.44
C4N NDP C . -21.35 3.68 4.27
C5N NDP C . -20.87 5.11 4.25
C6N NDP C . -19.45 5.38 4.70
P2B NDP C . -13.78 17.56 4.00
O1X NDP C . -14.67 17.67 5.29
O2X NDP C . -12.90 18.86 4.07
O3X NDP C . -14.62 17.46 2.77
PA NDP D . 21.10 -3.54 -3.63
O1A NDP D . 21.07 -4.12 -2.19
O2A NDP D . 22.29 -3.56 -4.51
O5B NDP D . 20.61 -1.94 -3.61
C5B NDP D . 19.47 -1.55 -2.87
C4B NDP D . 19.22 -0.06 -3.31
O4B NDP D . 18.26 0.40 -2.34
C3B NDP D . 20.48 0.83 -3.10
O3B NDP D . 20.46 1.83 -4.06
C2B NDP D . 20.26 1.41 -1.66
O2B NDP D . 20.90 2.62 -1.41
C1B NDP D . 18.71 1.55 -1.68
N9A NDP D . 18.20 1.50 -0.30
C8A NDP D . 18.35 0.41 0.59
N7A NDP D . 17.82 0.65 1.80
C5A NDP D . 17.27 1.94 1.69
C6A NDP D . 16.58 2.71 2.65
N6A NDP D . 16.32 2.23 3.91
N1A NDP D . 16.16 3.98 2.28
C2A NDP D . 16.49 4.40 1.02
N3A NDP D . 17.10 3.73 0.00
C4A NDP D . 17.47 2.48 0.39
O3 NDP D . 20.04 -4.44 -4.36
PN NDP D . 19.76 -5.34 -5.65
O1N NDP D . 20.07 -4.42 -6.86
O2N NDP D . 20.65 -6.51 -5.50
O5D NDP D . 18.16 -5.73 -5.69
C5D NDP D . 17.24 -5.04 -6.51
C4D NDP D . 15.92 -5.79 -6.42
O4D NDP D . 16.22 -7.14 -6.75
C3D NDP D . 15.14 -5.80 -5.07
O3D NDP D . 13.80 -5.76 -5.33
C2D NDP D . 15.62 -7.18 -4.48
O2D NDP D . 14.69 -7.73 -3.60
C1D NDP D . 15.62 -8.00 -5.82
N1N NDP D . 16.26 -9.32 -5.67
C2N NDP D . 15.36 -10.47 -5.69
C3N NDP D . 16.01 -11.79 -5.34
C7N NDP D . 15.09 -12.95 -5.66
O7N NDP D . 13.89 -12.84 -5.45
N7N NDP D . 15.65 -14.18 -5.98
C4N NDP D . 17.46 -12.00 -5.73
C5N NDP D . 18.30 -10.82 -5.36
C6N NDP D . 17.69 -9.44 -5.46
P2B NDP D . 22.48 2.61 -1.08
O1X NDP D . 23.29 2.34 -2.38
O2X NDP D . 22.88 4.07 -0.66
O3X NDP D . 22.76 1.57 -0.06
#